data_5L7J
#
_entry.id   5L7J
#
_cell.length_a   75.460
_cell.length_b   158.580
_cell.length_c   93.580
_cell.angle_alpha   90.00
_cell.angle_beta   90.00
_cell.angle_gamma   90.00
#
_symmetry.space_group_name_H-M   'C 2 2 21'
#
loop_
_entity.id
_entity.type
_entity.pdbx_description
1 polymer 'ELP3 family'
2 non-polymer 'ZINC ION'
3 non-polymer 'FE2/S2 (INORGANIC) CLUSTER'
4 water water
#
_entity_poly.entity_id   1
_entity_poly.type   'polypeptide(L)'
_entity_poly.pdbx_seq_one_letter_code
;(MSE)KKLSRTISGVTPVAV(MSE)TKPLPCPGKCIYCPTFAATPQSYTPESPAVLRAKSCEYQAYKQVALRLRIIQD
(MSE)GHPTDKVELII(MSE)GGTFLSADITYQYGFIKDCYDALNGVVAGSLEEAKTINETAQHRCVGLCIETRPDICGK
AEIQR(MSE)IDFGTTRVELGVQ(MSE)LDDDIYKLVERGHRVSDVAEATCLLREYGLKVHYHW(MSE)PGLPGSSPEKD
LALSR(MSE)VFEDPRFCPDGLKLYPT(MSE)VVEGTILEQWWKEGRYTPYPNGT(MSE)TGLIADIKALVPPYVRISRV
LRDIPAVFISAGLKDSLRDGVRQILESRHQKCRCIRCREYGHRQRKGQTSGEPTLRRLDYPASGGKEIFLSFEDASDTLY
GLLRLRIPCASLPVLGQKYGAKTGLVRELHVYGTELSLGEQGDQSAQHRGLGRKLLAEAECLARDEFGLDSLAILSGVGA
REYYRSLGYELVAGY(MSE)CKHLD
;
_entity_poly.pdbx_strand_id   A
#
loop_
_chem_comp.id
_chem_comp.type
_chem_comp.name
_chem_comp.formula
FES non-polymer 'FE2/S2 (INORGANIC) CLUSTER' 'Fe2 S2'
ZN non-polymer 'ZINC ION' 'Zn 2'
#
# COMPACT_ATOMS: atom_id res chain seq x y z
N THR A 7 -10.90 -24.18 -1.79
CA THR A 7 -10.89 -23.37 -0.58
C THR A 7 -9.51 -22.78 -0.31
N ILE A 8 -9.30 -21.54 -0.75
CA ILE A 8 -7.99 -20.89 -0.59
C ILE A 8 -8.02 -19.86 0.54
N SER A 9 -6.93 -19.78 1.30
CA SER A 9 -6.89 -18.97 2.51
C SER A 9 -6.44 -17.52 2.24
N GLY A 10 -7.03 -16.57 2.96
CA GLY A 10 -6.75 -15.16 2.77
C GLY A 10 -5.33 -14.76 3.13
N VAL A 11 -4.91 -13.60 2.65
CA VAL A 11 -3.62 -13.03 3.06
C VAL A 11 -3.76 -12.35 4.41
N THR A 12 -3.03 -12.84 5.40
CA THR A 12 -3.13 -12.34 6.76
C THR A 12 -2.18 -11.17 7.00
N PRO A 13 -2.71 -10.05 7.50
CA PRO A 13 -1.88 -8.88 7.81
C PRO A 13 -1.03 -9.09 9.06
N VAL A 14 0.25 -8.74 8.96
CA VAL A 14 1.15 -8.76 10.10
C VAL A 14 1.69 -7.34 10.27
N ALA A 15 1.00 -6.56 11.10
CA ALA A 15 1.33 -5.16 11.27
C ALA A 15 2.25 -4.96 12.47
N VAL A 16 3.38 -4.31 12.22
CA VAL A 16 4.34 -4.01 13.27
C VAL A 16 4.76 -2.55 13.19
N MSE A 17 5.20 -1.98 14.30
CA MSE A 17 5.66 -0.60 14.31
C MSE A 17 7.17 -0.50 14.48
O MSE A 17 7.79 -1.37 15.10
CB MSE A 17 4.98 0.19 15.42
CG MSE A 17 3.51 0.42 15.23
SE MSE A 17 2.89 1.92 16.31
CE MSE A 17 3.79 3.37 15.37
N THR A 18 7.75 0.57 13.94
CA THR A 18 9.15 0.85 14.16
C THR A 18 9.31 1.71 15.40
N LYS A 19 10.54 1.85 15.87
CA LYS A 19 10.83 2.59 17.09
C LYS A 19 10.48 4.07 16.93
N PRO A 20 10.17 4.74 18.05
CA PRO A 20 9.96 6.19 18.02
C PRO A 20 11.20 6.92 17.51
N LEU A 21 11.03 7.71 16.45
CA LEU A 21 12.15 8.41 15.82
C LEU A 21 12.01 9.91 16.00
N PRO A 22 13.16 10.63 16.00
CA PRO A 22 13.10 12.10 16.03
C PRO A 22 12.47 12.66 14.76
N CYS A 23 11.95 13.87 14.83
CA CYS A 23 11.32 14.50 13.67
C CYS A 23 12.32 14.65 12.52
N PRO A 24 11.91 14.23 11.31
CA PRO A 24 12.74 14.29 10.10
C PRO A 24 13.28 15.68 9.81
N GLY A 25 12.50 16.71 10.15
CA GLY A 25 12.92 18.08 9.95
C GLY A 25 13.60 18.67 11.18
N LYS A 26 14.24 19.82 11.00
CA LYS A 26 14.92 20.49 12.11
C LYS A 26 14.11 21.69 12.59
N CYS A 27 13.43 21.52 13.71
CA CYS A 27 12.56 22.55 14.26
C CYS A 27 12.58 22.49 15.78
N ILE A 28 12.88 23.62 16.42
CA ILE A 28 12.98 23.68 17.87
C ILE A 28 11.63 23.54 18.56
N TYR A 29 10.56 23.80 17.83
CA TYR A 29 9.22 23.72 18.40
C TYR A 29 8.63 22.31 18.25
N CYS A 30 9.17 21.53 17.32
CA CYS A 30 8.69 20.19 17.06
C CYS A 30 8.84 19.28 18.27
N PRO A 31 7.92 18.30 18.43
CA PRO A 31 7.95 17.37 19.56
C PRO A 31 9.19 16.49 19.57
N THR A 32 9.44 15.84 20.70
CA THR A 32 10.62 15.00 20.89
C THR A 32 10.70 13.90 19.82
N PHE A 33 9.57 13.23 19.58
CA PHE A 33 9.51 12.17 18.58
C PHE A 33 8.55 12.55 17.45
N ALA A 34 8.81 12.02 16.26
CA ALA A 34 7.98 12.28 15.09
C ALA A 34 6.58 11.73 15.31
N ALA A 35 5.58 12.52 14.94
CA ALA A 35 4.19 12.12 15.12
C ALA A 35 3.81 11.00 14.16
N THR A 36 3.12 9.99 14.69
CA THR A 36 2.61 8.90 13.88
C THR A 36 1.09 8.98 13.79
N PRO A 37 0.51 8.43 12.70
CA PRO A 37 -0.95 8.37 12.60
C PRO A 37 -1.56 7.55 13.74
N GLN A 38 -0.84 6.50 14.13
CA GLN A 38 -1.29 5.59 15.19
C GLN A 38 -1.43 6.30 16.54
N SER A 39 -0.93 7.53 16.63
CA SER A 39 -1.09 8.32 17.84
C SER A 39 -2.55 8.68 18.06
N TYR A 40 -3.35 8.58 17.00
CA TYR A 40 -4.78 8.84 17.10
C TYR A 40 -5.59 7.54 17.02
N THR A 41 -4.87 6.43 17.01
CA THR A 41 -5.46 5.11 17.22
C THR A 41 -4.65 4.37 18.28
N PRO A 42 -4.63 4.90 19.52
CA PRO A 42 -3.69 4.43 20.55
C PRO A 42 -4.07 3.06 21.14
N GLU A 43 -5.36 2.76 21.17
CA GLU A 43 -5.82 1.52 21.80
C GLU A 43 -5.86 0.36 20.81
N SER A 44 -5.29 0.57 19.63
CA SER A 44 -5.16 -0.50 18.64
C SER A 44 -4.26 -1.59 19.19
N PRO A 45 -4.62 -2.87 18.94
CA PRO A 45 -3.83 -3.99 19.43
C PRO A 45 -2.37 -3.94 18.99
N ALA A 46 -2.14 -3.51 17.75
CA ALA A 46 -0.81 -3.55 17.16
C ALA A 46 0.17 -2.52 17.74
N VAL A 47 -0.33 -1.34 18.08
CA VAL A 47 0.55 -0.29 18.63
C VAL A 47 0.88 -0.57 20.10
N LEU A 48 -0.14 -1.01 20.85
CA LEU A 48 0.07 -1.41 22.23
C LEU A 48 1.03 -2.59 22.28
N ARG A 49 0.85 -3.53 21.35
CA ARG A 49 1.76 -4.66 21.22
C ARG A 49 3.16 -4.20 20.87
N ALA A 50 3.25 -3.18 20.01
CA ALA A 50 4.53 -2.63 19.60
C ALA A 50 5.29 -2.05 20.79
N LYS A 51 4.59 -1.28 21.63
CA LYS A 51 5.21 -0.71 22.81
C LYS A 51 5.57 -1.80 23.82
N SER A 52 4.75 -2.84 23.88
CA SER A 52 4.98 -3.93 24.82
C SER A 52 6.20 -4.77 24.44
N CYS A 53 6.64 -4.64 23.18
CA CYS A 53 7.79 -5.38 22.69
C CYS A 53 9.03 -4.49 22.56
N GLU A 54 8.94 -3.27 23.09
CA GLU A 54 9.96 -2.24 22.92
C GLU A 54 10.29 -2.02 21.45
N TYR A 55 9.28 -2.18 20.59
CA TYR A 55 9.38 -1.92 19.15
C TYR A 55 10.39 -2.84 18.44
N GLN A 56 10.68 -3.99 19.04
CA GLN A 56 11.55 -4.98 18.40
C GLN A 56 10.83 -5.69 17.26
N ALA A 57 11.43 -5.66 16.08
CA ALA A 57 10.81 -6.25 14.89
C ALA A 57 10.58 -7.76 15.03
N TYR A 58 11.64 -8.49 15.35
CA TYR A 58 11.57 -9.94 15.46
C TYR A 58 10.50 -10.37 16.46
N LYS A 59 10.55 -9.77 17.65
CA LYS A 59 9.61 -10.09 18.72
C LYS A 59 8.17 -9.76 18.33
N GLN A 60 7.99 -8.62 17.68
CA GLN A 60 6.66 -8.20 17.22
C GLN A 60 6.09 -9.20 16.23
N VAL A 61 6.88 -9.57 15.23
CA VAL A 61 6.42 -10.50 14.21
C VAL A 61 6.15 -11.89 14.79
N ALA A 62 7.05 -12.38 15.64
CA ALA A 62 6.86 -13.69 16.27
C ALA A 62 5.59 -13.71 17.12
N LEU A 63 5.41 -12.69 17.93
CA LEU A 63 4.22 -12.57 18.78
C LEU A 63 2.96 -12.54 17.94
N ARG A 64 2.99 -11.74 16.87
CA ARG A 64 1.83 -11.62 15.98
C ARG A 64 1.48 -12.97 15.35
N LEU A 65 2.50 -13.66 14.85
CA LEU A 65 2.31 -14.99 14.28
C LEU A 65 1.66 -15.93 15.28
N ARG A 66 2.17 -15.91 16.52
CA ARG A 66 1.59 -16.77 17.56
C ARG A 66 0.12 -16.42 17.82
N ILE A 67 -0.19 -15.14 17.89
CA ILE A 67 -1.56 -14.71 18.13
C ILE A 67 -2.51 -15.17 17.01
N ILE A 68 -2.11 -14.89 15.77
CA ILE A 68 -2.89 -15.30 14.60
C ILE A 68 -3.10 -16.80 14.58
N GLN A 69 -2.06 -17.56 14.92
CA GLN A 69 -2.16 -19.01 14.95
C GLN A 69 -3.09 -19.48 16.06
N ASP A 70 -3.10 -18.74 17.18
CA ASP A 70 -3.97 -19.08 18.30
C ASP A 70 -5.43 -18.73 18.02
N MSE A 71 -5.65 -17.79 17.11
CA MSE A 71 -7.02 -17.46 16.72
C MSE A 71 -7.60 -18.50 15.78
O MSE A 71 -8.81 -18.56 15.56
CB MSE A 71 -7.07 -16.09 16.04
CG MSE A 71 -6.70 -14.93 16.94
SE MSE A 71 -7.11 -13.24 16.08
CE MSE A 71 -6.15 -13.51 14.40
N GLY A 72 -6.74 -19.33 15.20
CA GLY A 72 -7.17 -20.34 14.25
C GLY A 72 -7.15 -19.82 12.83
N HIS A 73 -6.47 -18.70 12.62
CA HIS A 73 -6.33 -18.09 11.30
C HIS A 73 -5.07 -18.57 10.58
N PRO A 74 -5.11 -18.64 9.24
CA PRO A 74 -3.96 -19.11 8.46
C PRO A 74 -2.78 -18.15 8.47
N THR A 75 -1.57 -18.69 8.31
CA THR A 75 -0.37 -17.88 8.27
C THR A 75 0.52 -18.26 7.09
N ASP A 76 -0.03 -19.03 6.17
CA ASP A 76 0.72 -19.48 5.00
C ASP A 76 0.95 -18.34 4.01
N LYS A 77 0.05 -17.36 4.01
CA LYS A 77 0.22 -16.14 3.23
C LYS A 77 0.12 -14.92 4.11
N VAL A 78 1.17 -14.11 4.12
CA VAL A 78 1.27 -12.99 5.05
C VAL A 78 1.63 -11.70 4.33
N GLU A 79 1.01 -10.60 4.74
CA GLU A 79 1.46 -9.28 4.29
C GLU A 79 2.06 -8.49 5.45
N LEU A 80 3.36 -8.25 5.39
CA LEU A 80 4.04 -7.43 6.38
C LEU A 80 3.65 -5.97 6.21
N ILE A 81 3.26 -5.35 7.31
CA ILE A 81 2.92 -3.93 7.28
C ILE A 81 3.76 -3.15 8.27
N ILE A 82 4.62 -2.28 7.75
CA ILE A 82 5.51 -1.46 8.57
C ILE A 82 4.87 -0.10 8.84
N MSE A 83 4.42 0.09 10.08
CA MSE A 83 3.70 1.31 10.45
C MSE A 83 4.60 2.35 11.10
O MSE A 83 5.64 2.02 11.68
CB MSE A 83 2.54 0.97 11.40
CG MSE A 83 1.49 0.06 10.79
SE MSE A 83 0.04 -0.31 12.03
CE MSE A 83 1.03 -1.33 13.37
N GLY A 84 4.19 3.61 10.99
CA GLY A 84 4.95 4.71 11.57
C GLY A 84 4.99 5.94 10.68
N GLY A 85 5.24 5.70 9.39
CA GLY A 85 5.31 6.78 8.43
C GLY A 85 6.64 7.49 8.41
N THR A 86 7.51 7.14 9.35
CA THR A 86 8.79 7.81 9.51
C THR A 86 9.96 6.83 9.38
N PHE A 87 9.63 5.59 9.04
CA PHE A 87 10.60 4.49 8.95
C PHE A 87 11.75 4.78 7.98
N LEU A 88 11.42 5.36 6.82
CA LEU A 88 12.42 5.59 5.79
C LEU A 88 13.38 6.72 6.12
N SER A 89 13.06 7.50 7.15
CA SER A 89 13.91 8.61 7.56
C SER A 89 14.90 8.18 8.64
N ALA A 90 14.82 6.92 9.04
CA ALA A 90 15.73 6.39 10.06
C ALA A 90 17.06 5.97 9.45
N ASP A 91 18.02 5.64 10.30
CA ASP A 91 19.31 5.16 9.87
C ASP A 91 19.17 3.91 8.98
N ILE A 92 19.98 3.85 7.94
CA ILE A 92 19.89 2.79 6.93
C ILE A 92 20.06 1.38 7.53
N THR A 93 21.13 1.22 8.31
CA THR A 93 21.41 -0.04 9.01
C THR A 93 20.23 -0.50 9.85
N TYR A 94 19.59 0.44 10.53
CA TYR A 94 18.39 0.14 11.32
C TYR A 94 17.27 -0.39 10.44
N GLN A 95 17.03 0.28 9.31
CA GLN A 95 15.97 -0.12 8.39
C GLN A 95 16.19 -1.55 7.88
N TYR A 96 17.36 -1.78 7.30
CA TYR A 96 17.71 -3.09 6.76
C TYR A 96 17.65 -4.18 7.83
N GLY A 97 18.16 -3.87 9.02
CA GLY A 97 18.12 -4.81 10.13
C GLY A 97 16.70 -5.13 10.58
N PHE A 98 15.83 -4.13 10.50
CA PHE A 98 14.43 -4.28 10.87
C PHE A 98 13.72 -5.23 9.91
N ILE A 99 13.82 -4.92 8.62
CA ILE A 99 13.21 -5.75 7.59
C ILE A 99 13.75 -7.19 7.68
N LYS A 100 15.07 -7.31 7.82
CA LYS A 100 15.73 -8.60 7.93
C LYS A 100 15.21 -9.37 9.14
N ASP A 101 15.01 -8.68 10.25
CA ASP A 101 14.44 -9.30 11.44
C ASP A 101 13.03 -9.83 11.16
N CYS A 102 12.23 -9.03 10.46
CA CYS A 102 10.89 -9.46 10.08
C CYS A 102 10.93 -10.76 9.27
N TYR A 103 11.77 -10.77 8.24
CA TYR A 103 11.91 -11.96 7.39
C TYR A 103 12.40 -13.17 8.18
N ASP A 104 13.34 -12.95 9.09
CA ASP A 104 13.84 -14.03 9.95
C ASP A 104 12.71 -14.61 10.79
N ALA A 105 11.87 -13.73 11.33
CA ALA A 105 10.76 -14.18 12.15
C ALA A 105 9.75 -14.95 11.32
N LEU A 106 9.54 -14.53 10.08
CA LEU A 106 8.65 -15.27 9.18
C LEU A 106 9.21 -16.65 8.80
N ASN A 107 10.52 -16.71 8.64
CA ASN A 107 11.17 -17.93 8.16
C ASN A 107 11.35 -18.99 9.22
N GLY A 108 11.47 -18.57 10.48
CA GLY A 108 11.72 -19.49 11.56
C GLY A 108 13.21 -19.80 11.69
N VAL A 109 14.00 -19.26 10.77
CA VAL A 109 15.45 -19.44 10.80
C VAL A 109 16.15 -18.10 10.62
N VAL A 110 17.36 -17.99 11.17
CA VAL A 110 18.14 -16.77 11.06
C VAL A 110 19.12 -16.84 9.89
N ALA A 111 18.93 -15.96 8.92
CA ALA A 111 19.75 -15.95 7.72
C ALA A 111 21.02 -15.12 7.91
N GLY A 112 21.94 -15.24 6.96
CA GLY A 112 23.21 -14.52 7.03
C GLY A 112 23.10 -13.11 6.49
N SER A 113 22.02 -12.84 5.77
CA SER A 113 21.76 -11.50 5.22
C SER A 113 20.28 -11.33 4.88
N LEU A 114 19.93 -10.13 4.42
CA LEU A 114 18.56 -9.84 4.02
C LEU A 114 18.20 -10.61 2.76
N GLU A 115 19.14 -10.67 1.81
CA GLU A 115 18.91 -11.37 0.56
C GLU A 115 18.67 -12.86 0.77
N GLU A 116 19.45 -13.46 1.67
CA GLU A 116 19.27 -14.87 1.99
C GLU A 116 17.95 -15.09 2.71
N ALA A 117 17.56 -14.13 3.53
CA ALA A 117 16.29 -14.21 4.26
C ALA A 117 15.11 -14.19 3.28
N LYS A 118 15.19 -13.31 2.29
CA LYS A 118 14.17 -13.22 1.26
C LYS A 118 14.12 -14.50 0.42
N THR A 119 15.29 -14.94 -0.05
CA THR A 119 15.40 -16.17 -0.82
C THR A 119 14.78 -17.34 -0.08
N ILE A 120 15.08 -17.43 1.22
CA ILE A 120 14.51 -18.46 2.07
C ILE A 120 13.00 -18.32 2.17
N ASN A 121 12.52 -17.09 2.32
CA ASN A 121 11.09 -16.86 2.43
C ASN A 121 10.34 -17.22 1.15
N GLU A 122 11.05 -17.25 0.04
CA GLU A 122 10.45 -17.64 -1.24
C GLU A 122 9.79 -19.02 -1.19
N THR A 123 10.32 -19.92 -0.36
CA THR A 123 9.75 -21.25 -0.21
C THR A 123 9.45 -21.61 1.24
N ALA A 124 9.28 -20.61 2.09
CA ALA A 124 9.00 -20.85 3.51
C ALA A 124 7.52 -21.16 3.72
N GLN A 125 7.18 -21.55 4.95
CA GLN A 125 5.80 -21.85 5.29
C GLN A 125 4.98 -20.56 5.35
N HIS A 126 5.53 -19.56 6.04
CA HIS A 126 4.89 -18.26 6.14
C HIS A 126 5.36 -17.36 5.00
N ARG A 127 4.71 -17.47 3.86
CA ARG A 127 5.07 -16.67 2.69
C ARG A 127 4.72 -15.21 2.86
N CYS A 128 5.69 -14.33 2.58
CA CYS A 128 5.44 -12.90 2.59
C CYS A 128 5.00 -12.48 1.18
N VAL A 129 3.70 -12.57 0.91
CA VAL A 129 3.17 -12.29 -0.42
C VAL A 129 3.06 -10.80 -0.68
N GLY A 130 3.32 -9.99 0.36
CA GLY A 130 3.26 -8.56 0.22
C GLY A 130 3.93 -7.85 1.39
N LEU A 131 4.50 -6.69 1.12
CA LEU A 131 5.11 -5.88 2.17
C LEU A 131 4.68 -4.42 1.99
N CYS A 132 3.98 -3.90 2.98
CA CYS A 132 3.48 -2.53 2.91
C CYS A 132 4.21 -1.61 3.88
N ILE A 133 4.64 -0.46 3.38
CA ILE A 133 5.32 0.53 4.20
C ILE A 133 4.54 1.84 4.25
N GLU A 134 4.28 2.33 5.46
CA GLU A 134 3.72 3.66 5.62
C GLU A 134 4.83 4.69 5.55
N THR A 135 4.60 5.75 4.78
CA THR A 135 5.57 6.83 4.70
C THR A 135 4.89 8.16 4.43
N ARG A 136 5.59 9.25 4.75
CA ARG A 136 5.09 10.59 4.48
C ARG A 136 5.38 10.96 3.03
N PRO A 137 4.52 11.79 2.43
CA PRO A 137 4.70 12.24 1.03
C PRO A 137 6.05 12.88 0.75
N ASP A 138 6.59 13.62 1.71
CA ASP A 138 7.87 14.30 1.53
C ASP A 138 9.04 13.38 1.85
N ILE A 139 8.76 12.19 2.39
CA ILE A 139 9.77 11.18 2.62
C ILE A 139 9.51 9.98 1.72
N CYS A 140 9.60 10.22 0.41
CA CYS A 140 9.28 9.18 -0.57
C CYS A 140 9.94 9.48 -1.91
N GLY A 141 11.26 9.64 -1.89
CA GLY A 141 12.01 9.94 -3.11
C GLY A 141 12.58 8.70 -3.76
N LYS A 142 13.42 8.89 -4.76
CA LYS A 142 14.00 7.79 -5.53
C LYS A 142 14.83 6.84 -4.66
N ALA A 143 15.60 7.41 -3.75
CA ALA A 143 16.45 6.61 -2.85
C ALA A 143 15.61 5.75 -1.91
N GLU A 144 14.63 6.38 -1.26
CA GLU A 144 13.72 5.67 -0.36
C GLU A 144 13.03 4.53 -1.09
N ILE A 145 12.57 4.82 -2.31
CA ILE A 145 11.88 3.82 -3.11
C ILE A 145 12.81 2.67 -3.47
N GLN A 146 14.04 2.98 -3.85
CA GLN A 146 15.02 1.93 -4.16
C GLN A 146 15.27 1.04 -2.94
N ARG A 147 15.39 1.66 -1.77
CA ARG A 147 15.53 0.88 -0.54
C ARG A 147 14.32 -0.01 -0.31
N MSE A 148 13.13 0.52 -0.59
CA MSE A 148 11.90 -0.26 -0.44
C MSE A 148 11.88 -1.46 -1.40
O MSE A 148 11.40 -2.54 -1.04
CB MSE A 148 10.67 0.61 -0.68
CG MSE A 148 10.45 1.63 0.44
SE MSE A 148 8.66 2.41 0.42
CE MSE A 148 8.76 3.39 -1.26
N ILE A 149 12.42 -1.27 -2.60
CA ILE A 149 12.59 -2.37 -3.54
C ILE A 149 13.54 -3.40 -2.93
N ASP A 150 14.60 -2.92 -2.29
CA ASP A 150 15.54 -3.81 -1.61
C ASP A 150 14.86 -4.59 -0.49
N PHE A 151 13.84 -4.00 0.12
CA PHE A 151 13.13 -4.64 1.22
C PHE A 151 12.15 -5.71 0.73
N GLY A 152 11.74 -5.58 -0.53
CA GLY A 152 10.72 -6.45 -1.07
C GLY A 152 9.34 -5.83 -0.90
N THR A 153 9.28 -4.51 -0.96
CA THR A 153 8.03 -3.77 -0.78
C THR A 153 7.13 -3.92 -2.01
N THR A 154 5.82 -4.05 -1.78
CA THR A 154 4.86 -4.19 -2.86
C THR A 154 3.79 -3.11 -2.81
N ARG A 155 3.63 -2.48 -1.66
CA ARG A 155 2.58 -1.50 -1.46
C ARG A 155 3.04 -0.36 -0.56
N VAL A 156 2.58 0.86 -0.85
CA VAL A 156 2.91 2.01 -0.03
C VAL A 156 1.66 2.79 0.36
N GLU A 157 1.56 3.11 1.65
CA GLU A 157 0.49 3.97 2.16
C GLU A 157 1.05 5.37 2.43
N LEU A 158 0.73 6.32 1.55
CA LEU A 158 1.14 7.70 1.75
C LEU A 158 0.27 8.40 2.79
N GLY A 159 0.92 9.08 3.72
CA GLY A 159 0.21 9.83 4.75
C GLY A 159 -0.30 11.17 4.25
N VAL A 160 -1.13 11.13 3.22
CA VAL A 160 -1.69 12.34 2.62
C VAL A 160 -2.65 13.03 3.58
N GLN A 161 -3.47 12.23 4.26
CA GLN A 161 -4.46 12.70 5.22
C GLN A 161 -5.56 13.54 4.55
N MSE A 162 -5.18 14.67 3.96
CA MSE A 162 -6.11 15.46 3.17
C MSE A 162 -5.36 16.31 2.15
O MSE A 162 -4.32 16.89 2.47
CB MSE A 162 -6.99 16.34 4.07
CG MSE A 162 -8.08 17.09 3.33
SE MSE A 162 -9.23 15.95 2.22
CE MSE A 162 -10.00 14.81 3.61
N LEU A 163 -5.88 16.36 0.93
CA LEU A 163 -5.18 16.96 -0.19
C LEU A 163 -5.36 18.48 -0.28
N ASP A 164 -4.84 19.19 0.71
CA ASP A 164 -4.87 20.66 0.71
C ASP A 164 -3.80 21.22 1.64
N ASP A 165 -3.07 22.22 1.16
CA ASP A 165 -1.95 22.78 1.89
C ASP A 165 -2.38 23.66 3.05
N ASP A 166 -3.63 24.11 3.03
CA ASP A 166 -4.13 25.01 4.07
C ASP A 166 -4.87 24.25 5.16
N ILE A 167 -4.87 22.93 5.06
CA ILE A 167 -5.52 22.09 6.06
C ILE A 167 -4.49 21.46 6.99
N TYR A 168 -4.71 21.60 8.29
CA TYR A 168 -3.79 21.09 9.30
C TYR A 168 -3.68 19.56 9.25
N LYS A 169 -2.46 19.06 9.22
CA LYS A 169 -2.22 17.61 9.27
C LYS A 169 -2.02 17.17 10.71
N LEU A 170 -2.16 15.87 10.96
CA LEU A 170 -2.01 15.32 12.30
C LEU A 170 -0.54 15.05 12.64
N VAL A 171 0.32 15.13 11.64
CA VAL A 171 1.76 14.99 11.86
C VAL A 171 2.39 16.37 11.97
N GLU A 172 3.59 16.44 12.54
CA GLU A 172 4.27 17.72 12.70
C GLU A 172 4.76 18.23 11.34
N ARG A 173 5.01 19.54 11.27
CA ARG A 173 5.49 20.21 10.06
C ARG A 173 4.48 20.13 8.91
N GLY A 174 4.14 18.92 8.49
CA GLY A 174 3.18 18.74 7.41
C GLY A 174 3.86 18.62 6.07
N HIS A 175 3.06 18.55 5.00
CA HIS A 175 3.59 18.39 3.66
C HIS A 175 2.75 19.17 2.65
N ARG A 176 3.17 19.15 1.39
CA ARG A 176 2.45 19.87 0.34
C ARG A 176 1.84 18.91 -0.67
N VAL A 177 0.88 19.42 -1.44
CA VAL A 177 0.20 18.64 -2.47
C VAL A 177 1.18 18.16 -3.54
N SER A 178 2.10 19.04 -3.91
CA SER A 178 3.13 18.73 -4.90
C SER A 178 3.96 17.52 -4.47
N ASP A 179 4.25 17.42 -3.18
CA ASP A 179 4.97 16.27 -2.63
C ASP A 179 4.19 14.99 -2.88
N VAL A 180 2.88 15.06 -2.66
CA VAL A 180 2.00 13.92 -2.90
C VAL A 180 2.02 13.53 -4.38
N ALA A 181 1.96 14.52 -5.26
CA ALA A 181 1.99 14.27 -6.70
C ALA A 181 3.30 13.58 -7.12
N GLU A 182 4.43 14.16 -6.71
CA GLU A 182 5.73 13.60 -7.06
C GLU A 182 5.91 12.19 -6.52
N ALA A 183 5.57 12.01 -5.25
CA ALA A 183 5.68 10.70 -4.61
C ALA A 183 4.82 9.67 -5.32
N THR A 184 3.59 10.05 -5.66
CA THR A 184 2.68 9.15 -6.37
C THR A 184 3.25 8.76 -7.72
N CYS A 185 3.75 9.76 -8.45
CA CYS A 185 4.36 9.52 -9.76
C CYS A 185 5.52 8.53 -9.67
N LEU A 186 6.45 8.79 -8.76
CA LEU A 186 7.61 7.93 -8.59
C LEU A 186 7.21 6.51 -8.16
N LEU A 187 6.26 6.41 -7.24
CA LEU A 187 5.78 5.12 -6.76
C LEU A 187 5.17 4.31 -7.91
N ARG A 188 4.39 4.96 -8.74
CA ARG A 188 3.80 4.30 -9.90
C ARG A 188 4.87 3.85 -10.90
N GLU A 189 5.81 4.74 -11.19
CA GLU A 189 6.86 4.47 -12.17
C GLU A 189 7.76 3.30 -11.75
N TYR A 190 7.72 2.94 -10.47
CA TYR A 190 8.50 1.81 -9.98
C TYR A 190 7.63 0.56 -9.77
N GLY A 191 6.36 0.67 -10.17
CA GLY A 191 5.46 -0.48 -10.16
C GLY A 191 4.88 -0.85 -8.82
N LEU A 192 4.84 0.10 -7.90
CA LEU A 192 4.28 -0.14 -6.57
C LEU A 192 2.79 0.16 -6.51
N LYS A 193 2.10 -0.47 -5.56
CA LYS A 193 0.72 -0.14 -5.27
C LYS A 193 0.68 1.11 -4.40
N VAL A 194 -0.25 2.02 -4.68
CA VAL A 194 -0.32 3.28 -3.96
C VAL A 194 -1.67 3.49 -3.26
N HIS A 195 -1.63 3.56 -1.94
CA HIS A 195 -2.81 3.86 -1.14
C HIS A 195 -2.64 5.20 -0.43
N TYR A 196 -3.72 5.96 -0.31
CA TYR A 196 -3.68 7.22 0.42
C TYR A 196 -4.31 7.08 1.81
N HIS A 197 -3.64 7.57 2.83
CA HIS A 197 -4.30 7.81 4.10
C HIS A 197 -5.24 8.99 3.91
N TRP A 198 -6.52 8.78 4.17
CA TRP A 198 -7.53 9.80 3.89
C TRP A 198 -8.38 10.05 5.12
N MSE A 199 -8.34 11.27 5.65
CA MSE A 199 -9.12 11.59 6.85
C MSE A 199 -9.91 12.89 6.74
O MSE A 199 -9.33 13.98 6.70
CB MSE A 199 -8.20 11.64 8.07
CG MSE A 199 -6.96 12.50 7.94
SE MSE A 199 -5.55 11.69 9.03
CE MSE A 199 -5.29 10.09 7.96
N PRO A 200 -11.24 12.76 6.72
CA PRO A 200 -12.11 13.93 6.80
C PRO A 200 -12.20 14.44 8.24
N GLY A 201 -12.39 15.74 8.42
CA GLY A 201 -12.54 16.29 9.76
C GLY A 201 -11.30 16.93 10.34
N LEU A 202 -10.28 17.14 9.51
CA LEU A 202 -9.06 17.79 9.95
C LEU A 202 -9.31 19.27 10.19
N PRO A 203 -8.56 19.87 11.13
CA PRO A 203 -8.68 21.30 11.45
C PRO A 203 -8.44 22.19 10.23
N GLY A 204 -9.30 23.19 10.05
CA GLY A 204 -9.17 24.10 8.93
C GLY A 204 -9.92 23.63 7.70
N SER A 205 -10.69 22.55 7.87
CA SER A 205 -11.46 21.99 6.77
C SER A 205 -12.97 22.08 7.02
N SER A 206 -13.73 21.43 6.14
CA SER A 206 -15.19 21.39 6.25
C SER A 206 -15.69 20.19 5.46
N PRO A 207 -16.87 19.65 5.83
CA PRO A 207 -17.44 18.49 5.14
C PRO A 207 -17.52 18.70 3.62
N GLU A 208 -17.91 19.90 3.22
CA GLU A 208 -18.00 20.24 1.80
C GLU A 208 -16.61 20.23 1.15
N LYS A 209 -15.63 20.75 1.87
CA LYS A 209 -14.25 20.78 1.36
C LYS A 209 -13.68 19.37 1.27
N ASP A 210 -13.95 18.56 2.30
CA ASP A 210 -13.49 17.17 2.31
C ASP A 210 -14.10 16.39 1.16
N LEU A 211 -15.38 16.64 0.89
CA LEU A 211 -16.08 15.97 -0.20
C LEU A 211 -15.53 16.41 -1.55
N ALA A 212 -15.31 17.71 -1.70
CA ALA A 212 -14.79 18.27 -2.95
C ALA A 212 -13.39 17.74 -3.24
N LEU A 213 -12.55 17.66 -2.22
CA LEU A 213 -11.20 17.14 -2.37
C LEU A 213 -11.23 15.63 -2.65
N SER A 214 -12.18 14.95 -2.03
CA SER A 214 -12.37 13.51 -2.26
C SER A 214 -12.80 13.26 -3.70
N ARG A 215 -13.50 14.24 -4.27
CA ARG A 215 -13.94 14.14 -5.65
C ARG A 215 -12.78 14.46 -6.60
N MSE A 216 -11.98 15.44 -6.21
CA MSE A 216 -10.87 15.90 -7.05
C MSE A 216 -9.72 14.90 -7.08
O MSE A 216 -8.98 14.81 -8.07
CB MSE A 216 -10.36 17.26 -6.55
CG MSE A 216 -9.25 17.87 -7.37
SE MSE A 216 -7.47 17.51 -6.67
CE MSE A 216 -7.53 18.65 -5.09
N VAL A 217 -9.57 14.13 -6.01
CA VAL A 217 -8.46 13.19 -5.90
C VAL A 217 -8.62 12.03 -6.91
N PHE A 218 -9.80 11.91 -7.49
CA PHE A 218 -10.07 10.84 -8.45
C PHE A 218 -10.31 11.38 -9.86
N GLU A 219 -10.13 12.68 -10.04
CA GLU A 219 -10.29 13.31 -11.35
C GLU A 219 -8.98 13.90 -11.85
N ASP A 220 -8.07 14.17 -10.92
CA ASP A 220 -6.77 14.73 -11.27
C ASP A 220 -5.74 13.61 -11.50
N PRO A 221 -5.15 13.58 -12.70
CA PRO A 221 -4.16 12.57 -13.10
C PRO A 221 -2.93 12.52 -12.20
N ARG A 222 -2.69 13.58 -11.44
CA ARG A 222 -1.56 13.62 -10.52
C ARG A 222 -1.71 12.61 -9.38
N PHE A 223 -2.95 12.23 -9.10
CA PHE A 223 -3.24 11.39 -7.95
C PHE A 223 -3.89 10.08 -8.37
N CYS A 224 -5.20 9.96 -8.11
CA CYS A 224 -5.96 8.75 -8.42
C CYS A 224 -5.33 7.50 -7.79
N PRO A 225 -5.33 7.41 -6.46
CA PRO A 225 -4.68 6.28 -5.79
C PRO A 225 -5.43 4.97 -6.02
N ASP A 226 -4.76 3.85 -5.79
CA ASP A 226 -5.39 2.54 -5.92
C ASP A 226 -6.39 2.30 -4.81
N GLY A 227 -6.22 3.03 -3.72
CA GLY A 227 -7.11 2.89 -2.58
C GLY A 227 -7.03 4.02 -1.59
N LEU A 228 -8.08 4.15 -0.77
CA LEU A 228 -8.10 5.11 0.32
C LEU A 228 -8.22 4.39 1.65
N LYS A 229 -7.48 4.85 2.65
CA LYS A 229 -7.64 4.36 4.01
C LYS A 229 -8.32 5.42 4.84
N LEU A 230 -9.61 5.22 5.12
CA LEU A 230 -10.42 6.23 5.80
C LEU A 230 -10.22 6.27 7.30
N TYR A 231 -9.66 7.38 7.78
CA TYR A 231 -9.51 7.64 9.21
C TYR A 231 -10.47 8.73 9.67
N PRO A 232 -11.68 8.35 10.12
CA PRO A 232 -12.60 9.38 10.62
C PRO A 232 -11.98 10.17 11.79
N THR A 233 -11.58 11.41 11.52
CA THR A 233 -10.92 12.25 12.52
C THR A 233 -11.79 12.48 13.74
N MSE A 234 -11.22 12.24 14.92
CA MSE A 234 -11.94 12.43 16.17
C MSE A 234 -10.99 12.81 17.30
O MSE A 234 -9.80 12.49 17.26
CB MSE A 234 -12.73 11.16 16.53
CG MSE A 234 -11.99 9.87 16.21
SE MSE A 234 -13.19 8.32 16.20
CE MSE A 234 -14.53 8.99 14.95
N VAL A 235 -11.53 13.50 18.30
CA VAL A 235 -10.74 14.00 19.41
C VAL A 235 -10.30 12.87 20.35
N VAL A 236 -9.01 12.57 20.33
CA VAL A 236 -8.45 11.52 21.19
C VAL A 236 -7.78 12.15 22.40
N GLU A 237 -8.12 11.65 23.59
CA GLU A 237 -7.57 12.18 24.82
C GLU A 237 -6.05 11.96 24.89
N GLY A 238 -5.34 12.95 25.43
CA GLY A 238 -3.89 12.87 25.57
C GLY A 238 -3.18 13.41 24.35
N THR A 239 -3.95 13.97 23.42
CA THR A 239 -3.37 14.50 22.19
C THR A 239 -3.52 16.02 22.13
N ILE A 240 -2.94 16.62 21.11
CA ILE A 240 -2.98 18.06 20.90
C ILE A 240 -4.37 18.50 20.44
N LEU A 241 -5.04 17.63 19.68
CA LEU A 241 -6.40 17.89 19.23
C LEU A 241 -7.35 18.07 20.41
N GLU A 242 -7.04 17.39 21.52
CA GLU A 242 -7.80 17.54 22.74
C GLU A 242 -7.71 18.97 23.24
N GLN A 243 -6.49 19.51 23.23
CA GLN A 243 -6.26 20.90 23.61
C GLN A 243 -7.00 21.85 22.66
N TRP A 244 -6.87 21.59 21.37
CA TRP A 244 -7.53 22.39 20.35
C TRP A 244 -9.04 22.40 20.52
N TRP A 245 -9.59 21.31 21.07
CA TRP A 245 -11.01 21.22 21.34
C TRP A 245 -11.37 21.94 22.63
N LYS A 246 -10.47 21.89 23.60
CA LYS A 246 -10.66 22.61 24.86
C LYS A 246 -10.74 24.11 24.61
N GLU A 247 -9.77 24.64 23.88
CA GLU A 247 -9.70 26.05 23.55
C GLU A 247 -10.85 26.48 22.64
N GLY A 248 -11.34 25.53 21.85
CA GLY A 248 -12.40 25.81 20.90
C GLY A 248 -11.86 26.07 19.52
N ARG A 249 -10.55 25.85 19.35
CA ARG A 249 -9.91 26.06 18.07
CA ARG A 249 -9.88 26.05 18.07
C ARG A 249 -10.32 24.99 17.06
N TYR A 250 -10.79 23.85 17.58
CA TYR A 250 -11.26 22.77 16.73
C TYR A 250 -12.56 22.15 17.25
N THR A 251 -13.50 21.95 16.33
CA THR A 251 -14.76 21.29 16.66
C THR A 251 -15.03 20.18 15.66
N PRO A 252 -15.11 18.93 16.14
CA PRO A 252 -15.32 17.77 15.28
C PRO A 252 -16.72 17.73 14.68
N TYR A 253 -16.89 16.95 13.62
CA TYR A 253 -18.19 16.77 12.99
C TYR A 253 -19.10 15.93 13.89
N PRO A 254 -20.41 16.22 13.86
CA PRO A 254 -21.38 15.31 14.48
C PRO A 254 -21.33 13.93 13.82
N ASN A 255 -21.77 12.89 14.53
CA ASN A 255 -21.69 11.53 14.03
C ASN A 255 -22.43 11.33 12.71
N GLY A 256 -23.62 11.93 12.61
CA GLY A 256 -24.40 11.87 11.39
C GLY A 256 -23.72 12.58 10.24
N THR A 257 -23.06 13.70 10.55
CA THR A 257 -22.31 14.46 9.57
C THR A 257 -21.15 13.63 9.02
N MSE A 258 -20.37 13.06 9.93
CA MSE A 258 -19.22 12.26 9.55
C MSE A 258 -19.64 11.04 8.74
O MSE A 258 -19.06 10.75 7.69
CB MSE A 258 -18.43 11.81 10.79
CG MSE A 258 -17.21 10.97 10.48
SE MSE A 258 -15.90 11.92 9.40
CE MSE A 258 -15.17 13.08 10.78
N THR A 259 -20.66 10.33 9.22
CA THR A 259 -21.15 9.14 8.53
C THR A 259 -21.65 9.48 7.14
N GLY A 260 -22.45 10.54 7.04
CA GLY A 260 -22.95 11.01 5.77
C GLY A 260 -21.83 11.36 4.81
N LEU A 261 -20.80 12.03 5.33
CA LEU A 261 -19.65 12.43 4.53
C LEU A 261 -18.90 11.21 4.01
N ILE A 262 -18.71 10.22 4.87
CA ILE A 262 -18.07 8.97 4.48
C ILE A 262 -18.86 8.28 3.38
N ALA A 263 -20.18 8.28 3.52
CA ALA A 263 -21.06 7.69 2.52
C ALA A 263 -20.92 8.39 1.17
N ASP A 264 -20.95 9.72 1.20
CA ASP A 264 -20.82 10.51 -0.02
C ASP A 264 -19.45 10.31 -0.67
N ILE A 265 -18.43 10.09 0.16
CA ILE A 265 -17.09 9.81 -0.36
C ILE A 265 -17.08 8.45 -1.07
N LYS A 266 -17.65 7.44 -0.41
CA LYS A 266 -17.72 6.11 -0.99
C LYS A 266 -18.56 6.08 -2.27
N ALA A 267 -19.51 7.00 -2.38
CA ALA A 267 -20.43 7.01 -3.51
C ALA A 267 -19.78 7.48 -4.81
N LEU A 268 -18.64 8.16 -4.72
CA LEU A 268 -18.04 8.77 -5.89
C LEU A 268 -16.71 8.15 -6.33
N VAL A 269 -16.39 6.97 -5.80
CA VAL A 269 -15.13 6.34 -6.12
C VAL A 269 -15.21 5.52 -7.41
N PRO A 270 -14.18 5.62 -8.25
CA PRO A 270 -14.06 4.87 -9.51
C PRO A 270 -13.94 3.37 -9.26
N PRO A 271 -14.25 2.54 -10.27
CA PRO A 271 -14.22 1.08 -10.15
C PRO A 271 -12.87 0.50 -9.75
N TYR A 272 -11.78 1.21 -10.02
CA TYR A 272 -10.45 0.68 -9.75
C TYR A 272 -9.95 0.99 -8.35
N VAL A 273 -10.81 1.64 -7.55
CA VAL A 273 -10.43 2.08 -6.21
C VAL A 273 -10.93 1.13 -5.14
N ARG A 274 -10.09 0.84 -4.15
CA ARG A 274 -10.47 0.00 -3.03
C ARG A 274 -10.54 0.82 -1.74
N ILE A 275 -11.71 0.86 -1.12
CA ILE A 275 -11.89 1.61 0.12
C ILE A 275 -11.84 0.70 1.35
N SER A 276 -11.08 1.12 2.36
CA SER A 276 -11.02 0.40 3.62
C SER A 276 -11.10 1.37 4.80
N ARG A 277 -11.84 0.99 5.83
CA ARG A 277 -11.99 1.81 7.01
C ARG A 277 -11.11 1.30 8.15
N VAL A 278 -10.46 2.22 8.86
CA VAL A 278 -9.61 1.86 9.98
C VAL A 278 -10.44 1.39 11.17
N LYS A 309 -25.09 2.71 -2.00
CA LYS A 309 -24.09 1.82 -1.46
C LYS A 309 -22.71 2.07 -2.08
N CYS A 310 -21.70 1.38 -1.59
CA CYS A 310 -20.34 1.54 -2.09
C CYS A 310 -20.08 0.61 -3.27
N ARG A 311 -19.57 1.16 -4.36
CA ARG A 311 -19.29 0.38 -5.56
C ARG A 311 -17.78 0.23 -5.80
N CYS A 312 -17.02 0.22 -4.71
CA CYS A 312 -15.57 0.08 -4.81
C CYS A 312 -15.18 -1.39 -4.95
N ILE A 313 -13.89 -1.66 -4.83
CA ILE A 313 -13.36 -3.02 -4.98
C ILE A 313 -13.77 -3.91 -3.81
N ARG A 314 -13.68 -3.38 -2.60
CA ARG A 314 -13.99 -4.13 -1.38
C ARG A 314 -15.49 -4.46 -1.27
N CYS A 315 -16.32 -3.66 -1.90
CA CYS A 315 -17.76 -3.89 -1.85
C CYS A 315 -18.27 -4.54 -3.13
N ARG A 316 -17.40 -5.38 -3.72
CA ARG A 316 -17.74 -6.17 -4.90
C ARG A 316 -17.04 -7.53 -4.83
N GLU A 317 -16.59 -7.88 -3.63
CA GLU A 317 -15.63 -8.96 -3.41
C GLU A 317 -16.02 -10.36 -3.86
N TYR A 318 -17.28 -10.74 -3.63
CA TYR A 318 -17.75 -12.14 -3.70
C TYR A 318 -17.14 -12.94 -2.54
N SER A 328 -25.52 -17.69 -10.60
CA SER A 328 -25.39 -16.46 -11.38
C SER A 328 -24.62 -16.70 -12.67
N GLY A 329 -23.99 -15.65 -13.19
CA GLY A 329 -23.27 -15.73 -14.44
C GLY A 329 -21.77 -15.91 -14.27
N GLU A 330 -21.14 -16.46 -15.31
CA GLU A 330 -19.70 -16.63 -15.34
C GLU A 330 -19.03 -15.29 -15.63
N PRO A 331 -17.98 -14.94 -14.87
CA PRO A 331 -17.31 -13.65 -15.03
C PRO A 331 -16.69 -13.45 -16.41
N THR A 332 -16.77 -12.22 -16.90
CA THR A 332 -16.12 -11.84 -18.15
C THR A 332 -15.03 -10.82 -17.87
N LEU A 333 -14.20 -10.56 -18.88
CA LEU A 333 -13.05 -9.69 -18.73
C LEU A 333 -13.38 -8.24 -19.08
N ARG A 334 -13.11 -7.34 -18.14
CA ARG A 334 -13.39 -5.92 -18.29
C ARG A 334 -12.08 -5.12 -18.26
N ARG A 335 -12.07 -4.02 -19.01
CA ARG A 335 -10.91 -3.15 -19.09
C ARG A 335 -11.30 -1.69 -18.85
N LEU A 336 -10.57 -1.01 -17.97
CA LEU A 336 -10.82 0.40 -17.70
C LEU A 336 -9.52 1.20 -17.70
N ASP A 337 -9.37 2.10 -18.66
CA ASP A 337 -8.15 2.91 -18.78
C ASP A 337 -8.34 4.30 -18.14
N TYR A 338 -7.27 4.80 -17.52
CA TYR A 338 -7.26 6.16 -17.00
C TYR A 338 -5.84 6.69 -16.90
N PRO A 339 -5.65 7.97 -17.24
CA PRO A 339 -4.32 8.58 -17.21
C PRO A 339 -3.83 8.83 -15.79
N ALA A 340 -2.53 8.63 -15.56
CA ALA A 340 -1.95 8.85 -14.25
C ALA A 340 -0.45 9.12 -14.33
N SER A 341 -0.04 10.26 -13.79
CA SER A 341 1.37 10.64 -13.70
C SER A 341 2.10 10.57 -15.04
N GLY A 342 1.46 11.07 -16.09
CA GLY A 342 2.06 11.12 -17.41
C GLY A 342 2.07 9.77 -18.12
N GLY A 343 1.51 8.76 -17.48
CA GLY A 343 1.44 7.43 -18.06
C GLY A 343 0.01 6.94 -18.14
N LYS A 344 -0.17 5.72 -18.61
CA LYS A 344 -1.51 5.15 -18.72
C LYS A 344 -1.72 4.02 -17.72
N GLU A 345 -2.86 4.02 -17.05
CA GLU A 345 -3.21 2.95 -16.13
C GLU A 345 -4.34 2.10 -16.70
N ILE A 346 -4.12 0.79 -16.72
CA ILE A 346 -5.09 -0.16 -17.24
C ILE A 346 -5.58 -1.10 -16.14
N PHE A 347 -6.84 -0.94 -15.77
CA PHE A 347 -7.45 -1.79 -14.75
C PHE A 347 -8.25 -2.91 -15.40
N LEU A 348 -7.67 -4.11 -15.38
CA LEU A 348 -8.34 -5.30 -15.90
C LEU A 348 -9.07 -6.01 -14.76
N SER A 349 -10.21 -6.62 -15.04
CA SER A 349 -10.97 -7.29 -13.99
C SER A 349 -11.84 -8.42 -14.52
N PHE A 350 -12.21 -9.35 -13.64
CA PHE A 350 -13.15 -10.40 -14.01
C PHE A 350 -14.46 -10.23 -13.24
N GLU A 351 -15.49 -9.78 -13.93
CA GLU A 351 -16.76 -9.46 -13.27
C GLU A 351 -17.94 -10.12 -13.98
N ASP A 352 -18.93 -10.56 -13.20
CA ASP A 352 -20.10 -11.22 -13.77
C ASP A 352 -21.20 -10.21 -14.11
N ALA A 353 -22.41 -10.70 -14.36
CA ALA A 353 -23.52 -9.87 -14.78
C ALA A 353 -24.02 -8.96 -13.64
N SER A 354 -23.75 -9.36 -12.40
CA SER A 354 -24.17 -8.57 -11.25
C SER A 354 -23.03 -7.68 -10.76
N ASP A 355 -22.03 -7.49 -11.62
CA ASP A 355 -20.87 -6.65 -11.32
C ASP A 355 -20.12 -7.10 -10.07
N THR A 356 -20.09 -8.40 -9.85
CA THR A 356 -19.34 -8.96 -8.74
C THR A 356 -17.91 -9.24 -9.19
N LEU A 357 -16.94 -8.80 -8.38
CA LEU A 357 -15.53 -8.88 -8.76
C LEU A 357 -14.90 -10.21 -8.36
N TYR A 358 -14.23 -10.86 -9.32
CA TYR A 358 -13.59 -12.15 -9.06
C TYR A 358 -12.07 -12.04 -9.03
N GLY A 359 -11.54 -11.03 -9.74
CA GLY A 359 -10.10 -10.82 -9.79
C GLY A 359 -9.76 -9.55 -10.52
N LEU A 360 -8.54 -9.04 -10.32
CA LEU A 360 -8.12 -7.80 -10.97
C LEU A 360 -6.62 -7.77 -11.23
N LEU A 361 -6.24 -6.97 -12.22
CA LEU A 361 -4.84 -6.76 -12.55
C LEU A 361 -4.61 -5.30 -12.94
N ARG A 362 -3.63 -4.66 -12.31
CA ARG A 362 -3.26 -3.30 -12.63
C ARG A 362 -2.02 -3.28 -13.53
N LEU A 363 -2.19 -2.81 -14.76
CA LEU A 363 -1.10 -2.75 -15.72
C LEU A 363 -0.77 -1.31 -16.08
N ARG A 364 0.45 -0.88 -15.79
CA ARG A 364 0.85 0.48 -16.10
C ARG A 364 1.72 0.58 -17.34
N ILE A 365 1.33 1.46 -18.25
CA ILE A 365 2.19 1.88 -19.36
C ILE A 365 2.92 3.14 -18.90
N PRO A 366 4.19 2.98 -18.50
CA PRO A 366 4.98 4.01 -17.81
C PRO A 366 5.33 5.21 -18.68
N CYS A 367 5.62 6.33 -18.03
CA CYS A 367 6.07 7.53 -18.72
C CYS A 367 7.56 7.42 -19.02
N ALA A 368 8.27 6.64 -18.21
CA ALA A 368 9.69 6.41 -18.40
C ALA A 368 10.09 5.05 -17.82
N SER A 369 11.31 4.63 -18.12
CA SER A 369 11.81 3.35 -17.61
C SER A 369 12.79 3.55 -16.46
N LEU A 370 12.26 3.91 -15.30
CA LEU A 370 13.07 4.12 -14.11
C LEU A 370 13.74 2.84 -13.57
N PRO A 371 13.01 1.71 -13.54
CA PRO A 371 13.71 0.50 -13.10
C PRO A 371 14.80 0.05 -14.07
N VAL A 372 15.98 -0.26 -13.54
CA VAL A 372 17.08 -0.77 -14.35
C VAL A 372 17.06 -2.29 -14.39
N LEU A 373 16.96 -2.86 -15.59
CA LEU A 373 16.81 -4.30 -15.73
C LEU A 373 17.94 -4.92 -16.56
N GLY A 374 18.85 -4.09 -17.05
CA GLY A 374 20.07 -4.57 -17.67
C GLY A 374 19.93 -5.22 -19.04
N GLN A 375 19.74 -4.40 -20.07
CA GLN A 375 19.84 -4.82 -21.47
C GLN A 375 18.89 -5.94 -21.90
N LYS A 376 18.96 -7.09 -21.23
CA LYS A 376 18.16 -8.27 -21.61
C LYS A 376 16.67 -7.94 -21.71
N TYR A 377 16.20 -7.06 -20.82
CA TYR A 377 14.83 -6.59 -20.89
C TYR A 377 14.81 -5.16 -21.42
N GLY A 378 14.04 -4.94 -22.48
CA GLY A 378 14.12 -3.74 -23.29
C GLY A 378 13.96 -2.39 -22.62
N ALA A 379 14.20 -1.34 -23.41
CA ALA A 379 14.14 0.03 -22.92
C ALA A 379 12.73 0.41 -22.47
N LYS A 380 11.72 -0.18 -23.10
CA LYS A 380 10.34 0.05 -22.70
C LYS A 380 9.72 -1.21 -22.11
N THR A 381 9.30 -1.11 -20.85
CA THR A 381 8.78 -2.26 -20.12
C THR A 381 7.50 -1.89 -19.36
N GLY A 382 6.48 -2.73 -19.51
CA GLY A 382 5.24 -2.54 -18.78
C GLY A 382 5.36 -3.02 -17.35
N LEU A 383 4.49 -2.51 -16.48
CA LEU A 383 4.52 -2.85 -15.07
C LEU A 383 3.19 -3.38 -14.57
N VAL A 384 3.19 -4.61 -14.06
CA VAL A 384 2.02 -5.16 -13.40
C VAL A 384 2.08 -4.79 -11.93
N ARG A 385 1.34 -3.75 -11.55
CA ARG A 385 1.43 -3.20 -10.20
C ARG A 385 0.65 -4.02 -9.19
N GLU A 386 -0.29 -4.82 -9.68
CA GLU A 386 -1.06 -5.69 -8.80
C GLU A 386 -1.73 -6.82 -9.56
N LEU A 387 -1.72 -8.01 -8.97
CA LEU A 387 -2.51 -9.13 -9.45
C LEU A 387 -3.22 -9.76 -8.27
N HIS A 388 -4.54 -9.61 -8.22
CA HIS A 388 -5.30 -10.09 -7.08
C HIS A 388 -6.49 -10.94 -7.52
N VAL A 389 -6.35 -12.25 -7.38
CA VAL A 389 -7.47 -13.16 -7.63
C VAL A 389 -8.21 -13.41 -6.32
N TYR A 390 -9.43 -12.89 -6.25
CA TYR A 390 -10.15 -12.82 -4.98
C TYR A 390 -10.44 -14.18 -4.36
N GLY A 391 -10.34 -14.24 -3.03
CA GLY A 391 -10.07 -13.05 -2.23
C GLY A 391 -8.62 -12.85 -1.81
N THR A 392 -7.69 -13.52 -2.49
CA THR A 392 -6.33 -13.62 -1.97
C THR A 392 -5.24 -13.26 -2.98
N GLU A 393 -4.00 -13.62 -2.62
CA GLU A 393 -2.85 -13.44 -3.47
C GLU A 393 -2.28 -14.80 -3.85
N LEU A 394 -1.80 -14.94 -5.09
CA LEU A 394 -1.28 -16.21 -5.56
C LEU A 394 0.21 -16.35 -5.24
N SER A 395 0.57 -17.39 -4.49
CA SER A 395 1.95 -17.57 -4.03
C SER A 395 2.57 -18.88 -4.49
N LEU A 396 1.85 -19.99 -4.32
CA LEU A 396 2.37 -21.31 -4.66
C LEU A 396 2.50 -21.51 -6.16
N GLY A 397 3.33 -22.46 -6.57
CA GLY A 397 3.54 -22.75 -7.97
C GLY A 397 3.65 -24.24 -8.25
N HIS A 406 -9.70 -23.19 -11.12
CA HIS A 406 -9.05 -22.56 -9.98
C HIS A 406 -7.67 -22.04 -10.35
N ARG A 407 -7.32 -20.87 -9.84
CA ARG A 407 -6.07 -20.16 -10.16
C ARG A 407 -5.98 -19.75 -11.64
N GLY A 408 -6.97 -20.12 -12.43
CA GLY A 408 -6.98 -19.83 -13.86
C GLY A 408 -7.18 -18.36 -14.16
N LEU A 409 -7.92 -17.68 -13.30
CA LEU A 409 -8.21 -16.26 -13.48
C LEU A 409 -6.95 -15.41 -13.50
N GLY A 410 -5.99 -15.75 -12.66
CA GLY A 410 -4.72 -15.05 -12.62
C GLY A 410 -3.95 -15.24 -13.91
N ARG A 411 -3.91 -16.47 -14.39
CA ARG A 411 -3.26 -16.78 -15.65
C ARG A 411 -3.88 -16.03 -16.81
N LYS A 412 -5.21 -15.96 -16.82
CA LYS A 412 -5.93 -15.27 -17.89
C LYS A 412 -5.69 -13.76 -17.85
N LEU A 413 -5.73 -13.20 -16.64
CA LEU A 413 -5.43 -11.79 -16.44
C LEU A 413 -4.03 -11.44 -16.92
N LEU A 414 -3.05 -12.24 -16.52
CA LEU A 414 -1.67 -12.04 -16.92
C LEU A 414 -1.50 -12.19 -18.43
N ALA A 415 -2.19 -13.15 -19.02
CA ALA A 415 -2.15 -13.38 -20.47
C ALA A 415 -2.68 -12.17 -21.22
N GLU A 416 -3.80 -11.63 -20.75
CA GLU A 416 -4.37 -10.44 -21.36
C GLU A 416 -3.44 -9.24 -21.20
N ALA A 417 -2.80 -9.14 -20.04
CA ALA A 417 -1.84 -8.08 -19.78
C ALA A 417 -0.69 -8.13 -20.77
N GLU A 418 -0.11 -9.32 -20.94
CA GLU A 418 0.99 -9.53 -21.87
C GLU A 418 0.56 -9.21 -23.30
N CYS A 419 -0.67 -9.64 -23.65
CA CYS A 419 -1.20 -9.38 -24.98
C CYS A 419 -1.32 -7.89 -25.26
N LEU A 420 -1.91 -7.16 -24.32
CA LEU A 420 -2.09 -5.72 -24.45
C LEU A 420 -0.75 -5.00 -24.52
N ALA A 421 0.18 -5.40 -23.66
CA ALA A 421 1.49 -4.78 -23.61
C ALA A 421 2.31 -5.04 -24.87
N ARG A 422 2.10 -6.21 -25.48
CA ARG A 422 2.87 -6.58 -26.66
C ARG A 422 2.30 -5.99 -27.95
N ASP A 423 0.98 -6.08 -28.11
CA ASP A 423 0.35 -5.70 -29.37
C ASP A 423 -0.06 -4.22 -29.42
N GLU A 424 -0.75 -3.75 -28.41
CA GLU A 424 -1.34 -2.41 -28.43
C GLU A 424 -0.32 -1.31 -28.14
N PHE A 425 0.63 -1.60 -27.26
CA PHE A 425 1.59 -0.57 -26.83
C PHE A 425 3.01 -0.90 -27.28
N GLY A 426 3.19 -2.08 -27.89
CA GLY A 426 4.47 -2.48 -28.45
C GLY A 426 5.62 -2.48 -27.46
N LEU A 427 5.39 -3.05 -26.28
CA LEU A 427 6.41 -3.10 -25.24
C LEU A 427 7.24 -4.38 -25.35
N ASP A 428 8.50 -4.29 -24.94
CA ASP A 428 9.43 -5.41 -25.08
C ASP A 428 9.22 -6.48 -24.02
N SER A 429 8.87 -6.08 -22.81
CA SER A 429 8.76 -7.02 -21.71
C SER A 429 7.81 -6.56 -20.61
N LEU A 430 7.53 -7.45 -19.67
CA LEU A 430 6.72 -7.12 -18.50
C LEU A 430 7.52 -7.34 -17.23
N ALA A 431 7.38 -6.41 -16.29
CA ALA A 431 8.02 -6.51 -14.98
C ALA A 431 6.98 -6.47 -13.88
N ILE A 432 7.11 -7.38 -12.92
CA ILE A 432 6.15 -7.51 -11.83
C ILE A 432 6.83 -7.43 -10.47
N LEU A 433 6.61 -6.34 -9.75
CA LEU A 433 7.19 -6.19 -8.42
C LEU A 433 6.47 -7.08 -7.42
N SER A 434 6.73 -8.38 -7.49
CA SER A 434 6.06 -9.36 -6.65
C SER A 434 6.61 -9.40 -5.23
N GLY A 435 5.76 -9.81 -4.29
CA GLY A 435 6.22 -10.12 -2.95
C GLY A 435 7.14 -11.33 -3.04
N VAL A 436 8.08 -11.45 -2.12
CA VAL A 436 9.05 -12.55 -2.19
C VAL A 436 8.35 -13.90 -2.14
N GLY A 437 7.44 -14.07 -1.18
CA GLY A 437 6.74 -15.32 -0.98
C GLY A 437 5.79 -15.69 -2.10
N ALA A 438 5.65 -14.80 -3.08
CA ALA A 438 4.79 -15.07 -4.22
C ALA A 438 5.61 -15.28 -5.49
N ARG A 439 6.92 -15.02 -5.42
CA ARG A 439 7.78 -15.11 -6.60
C ARG A 439 7.62 -16.43 -7.35
N GLU A 440 7.60 -17.52 -6.59
CA GLU A 440 7.44 -18.86 -7.15
C GLU A 440 6.29 -18.95 -8.14
N TYR A 441 5.15 -18.34 -7.78
CA TYR A 441 3.99 -18.34 -8.66
C TYR A 441 4.38 -17.85 -10.05
N TYR A 442 5.01 -16.68 -10.10
CA TYR A 442 5.37 -16.09 -11.37
C TYR A 442 6.45 -16.92 -12.06
N ARG A 443 7.27 -17.61 -11.25
CA ARG A 443 8.29 -18.48 -11.81
C ARG A 443 7.64 -19.64 -12.56
N SER A 444 6.43 -20.00 -12.15
CA SER A 444 5.73 -21.09 -12.82
C SER A 444 5.11 -20.61 -14.12
N LEU A 445 5.18 -19.30 -14.37
CA LEU A 445 4.56 -18.72 -15.55
C LEU A 445 5.59 -18.13 -16.52
N GLY A 446 6.86 -18.45 -16.30
CA GLY A 446 7.91 -18.05 -17.22
C GLY A 446 8.65 -16.78 -16.84
N TYR A 447 8.34 -16.24 -15.67
CA TYR A 447 9.01 -15.03 -15.18
C TYR A 447 10.26 -15.39 -14.40
N GLU A 448 11.28 -14.53 -14.49
CA GLU A 448 12.51 -14.73 -13.75
C GLU A 448 12.93 -13.48 -12.99
N LEU A 449 13.62 -13.68 -11.87
CA LEU A 449 13.98 -12.58 -10.97
C LEU A 449 15.15 -11.74 -11.50
N VAL A 450 14.89 -10.45 -11.69
CA VAL A 450 15.90 -9.48 -12.09
C VAL A 450 15.74 -8.20 -11.28
N ALA A 451 16.73 -7.91 -10.45
CA ALA A 451 16.77 -6.68 -9.65
C ALA A 451 15.50 -6.45 -8.83
N GLY A 452 14.96 -7.52 -8.26
CA GLY A 452 13.79 -7.42 -7.41
C GLY A 452 12.47 -7.56 -8.16
N TYR A 453 12.52 -7.51 -9.48
CA TYR A 453 11.32 -7.62 -10.30
C TYR A 453 11.20 -9.00 -10.95
N MSE A 454 9.98 -9.51 -11.06
CA MSE A 454 9.75 -10.73 -11.82
C MSE A 454 9.47 -10.37 -13.27
O MSE A 454 8.39 -9.88 -13.61
CB MSE A 454 8.60 -11.54 -11.23
CG MSE A 454 8.83 -12.01 -9.81
SE MSE A 454 10.44 -13.09 -9.62
CE MSE A 454 10.07 -14.48 -10.93
N CYS A 455 10.46 -10.59 -14.13
CA CYS A 455 10.40 -10.10 -15.51
C CYS A 455 10.22 -11.21 -16.54
N LYS A 456 9.58 -10.87 -17.65
CA LYS A 456 9.45 -11.78 -18.78
C LYS A 456 9.45 -11.01 -20.10
N HIS A 457 10.27 -11.46 -21.05
CA HIS A 457 10.32 -10.85 -22.36
C HIS A 457 9.10 -11.25 -23.19
N LEU A 458 8.45 -10.26 -23.81
CA LEU A 458 7.24 -10.51 -24.59
C LEU A 458 7.56 -11.05 -25.98
N ASP A 459 6.90 -12.15 -26.34
CA ASP A 459 7.10 -12.79 -27.64
C ASP A 459 5.77 -13.19 -28.26
ZN ZN B . -16.49 -0.26 -0.40
FE1 FES C . 8.03 22.23 14.42
FE2 FES C . 5.30 23.19 13.42
S1 FES C . 6.16 22.84 15.39
S2 FES C . 7.17 22.59 12.44
#